data_9J08
#
_entry.id   9J08
#
_cell.length_a   57.027
_cell.length_b   64.008
_cell.length_c   83.324
_cell.angle_alpha   90.00
_cell.angle_beta   90.00
_cell.angle_gamma   90.00
#
_symmetry.space_group_name_H-M   'P 21 21 21'
#
loop_
_entity.id
_entity.type
_entity.pdbx_description
1 polymer 'feruloyl esterase'
2 non-polymer 2-acetamido-2-deoxy-beta-D-glucopyranose
3 non-polymer 'ACETATE ION'
4 non-polymer 'SUCCINIC ACID'
5 water water
#
_entity_poly.entity_id   1
_entity_poly.type   'polypeptide(L)'
_entity_poly.pdbx_seq_one_letter_code
;MKFLSVILLTTTAGLASAAGSAGCGQPLPPSQNPGGSSYGVNFTLSAGTQRFYRIHIPSNYNVNTPTPLIFSFHGRGKTA
ESQEKLSQFSNEDWNPDAIAVYPQGLNKEWQGDPHSKDVDDIAFTMEMLDYFQEKFCIDSTRVYAAGKSNGGGFTNLLAC
DPTASTRIAAFAPVSGAYYQDVSEEACHPTTVPIKCSPGRPSIPILEFHGTADKTIPYGGGGRRGECLPSIPHFVREWSK
RLGYGLHNTTKELYDGNVQEYQYGNGDNRGIVTHYRIGGLGHDWPSVRPNSDNPNGTYLDATPIIVKFFKQWVLPGSSED
NQSEAR
;
_entity_poly.pdbx_strand_id   A
#
# COMPACT_ATOMS: atom_id res chain seq x y z
N ALA A 19 -9.17 18.22 5.48
CA ALA A 19 -8.97 18.89 6.80
C ALA A 19 -7.47 19.05 7.04
N GLY A 20 -6.99 20.32 7.02
CA GLY A 20 -5.59 20.68 7.27
C GLY A 20 -5.18 20.46 8.72
N SER A 21 -4.01 19.86 8.96
CA SER A 21 -3.59 19.41 10.27
C SER A 21 -2.99 20.57 11.07
N ALA A 22 -2.66 20.28 12.34
CA ALA A 22 -2.08 21.25 13.25
C ALA A 22 -0.79 21.86 12.70
N GLY A 23 -0.01 21.11 11.90
CA GLY A 23 1.28 21.57 11.43
C GLY A 23 1.19 22.64 10.35
N CYS A 24 -0.03 22.93 9.88
CA CYS A 24 -0.21 23.94 8.85
C CYS A 24 0.29 25.28 9.38
N GLY A 25 1.14 25.94 8.61
CA GLY A 25 1.71 27.21 9.05
C GLY A 25 3.11 27.03 9.60
N GLN A 26 3.49 25.78 9.90
CA GLN A 26 4.82 25.53 10.45
C GLN A 26 5.86 25.41 9.33
N PRO A 27 7.08 25.94 9.54
CA PRO A 27 8.13 25.79 8.55
C PRO A 27 8.65 24.34 8.49
N LEU A 28 9.12 23.95 7.30
CA LEU A 28 9.78 22.67 7.08
C LEU A 28 10.90 22.51 8.11
N PRO A 29 11.13 21.28 8.63
CA PRO A 29 12.36 20.97 9.37
C PRO A 29 13.60 21.46 8.60
N PRO A 30 14.56 22.13 9.29
CA PRO A 30 15.53 23.02 8.62
C PRO A 30 16.60 22.36 7.76
N SER A 31 16.69 21.04 7.77
CA SER A 31 17.62 20.37 6.87
C SER A 31 16.85 19.64 5.77
N GLN A 32 15.57 20.01 5.59
CA GLN A 32 14.74 19.41 4.55
C GLN A 32 14.34 20.50 3.55
N PRO A 34 12.70 20.59 0.36
CA PRO A 34 11.55 21.40 -0.07
C PRO A 34 11.04 20.97 -1.45
N GLY A 35 11.97 20.43 -2.28
CA GLY A 35 11.73 19.35 -3.23
C GLY A 35 13.01 18.52 -3.46
N GLY A 36 13.76 18.24 -2.40
CA GLY A 36 15.08 17.65 -2.55
C GLY A 36 15.02 16.13 -2.67
N SER A 37 16.21 15.50 -2.74
CA SER A 37 16.37 14.08 -2.46
C SER A 37 15.64 13.79 -1.15
N SER A 38 15.13 12.55 -1.00
CA SER A 38 14.49 12.18 0.24
C SER A 38 15.51 12.26 1.39
N TYR A 39 15.02 12.49 2.61
CA TYR A 39 15.83 12.68 3.81
C TYR A 39 15.50 11.57 4.81
N GLY A 40 16.55 11.02 5.44
CA GLY A 40 16.38 9.96 6.42
C GLY A 40 16.21 10.50 7.83
N VAL A 41 15.27 9.94 8.60
CA VAL A 41 14.94 10.47 9.93
C VAL A 41 14.76 9.33 10.94
N ASN A 42 15.42 9.44 12.10
CA ASN A 42 15.14 8.59 13.22
C ASN A 42 13.94 9.12 14.00
N PHE A 43 13.11 8.19 14.47
CA PHE A 43 11.84 8.50 15.12
C PHE A 43 11.56 7.45 16.19
N THR A 44 11.48 7.88 17.46
CA THR A 44 11.32 6.98 18.59
C THR A 44 9.86 6.95 19.04
N LEU A 45 9.30 5.74 19.03
CA LEU A 45 7.91 5.54 19.42
C LEU A 45 7.74 5.75 20.93
N SER A 46 6.51 6.10 21.29
CA SER A 46 6.14 6.35 22.68
C SER A 46 6.74 5.31 23.62
N ALA A 47 6.63 4.03 23.25
CA ALA A 47 7.01 2.92 24.12
C ALA A 47 8.49 2.61 23.99
N GLY A 48 9.19 3.31 23.11
CA GLY A 48 10.64 3.36 23.21
C GLY A 48 11.43 2.76 22.06
N THR A 49 10.80 2.13 21.06
CA THR A 49 11.61 1.57 19.98
C THR A 49 12.01 2.67 19.01
N GLN A 50 13.31 2.79 18.69
CA GLN A 50 13.76 3.75 17.69
C GLN A 50 13.49 3.16 16.30
N ARG A 51 12.80 3.92 15.46
CA ARG A 51 12.46 3.49 14.11
C ARG A 51 13.05 4.51 13.13
N PHE A 52 12.92 4.24 11.81
CA PHE A 52 13.50 5.06 10.77
C PHE A 52 12.58 5.13 9.55
N TYR A 53 12.60 6.30 8.89
CA TYR A 53 11.88 6.47 7.62
C TYR A 53 12.66 7.46 6.76
N ARG A 54 12.40 7.39 5.45
CA ARG A 54 12.82 8.41 4.51
C ARG A 54 11.60 9.17 4.05
N ILE A 55 11.73 10.49 3.89
CA ILE A 55 10.60 11.36 3.55
C ILE A 55 10.99 12.23 2.36
N HIS A 56 10.07 12.30 1.39
CA HIS A 56 10.26 13.15 0.22
C HIS A 56 9.19 14.24 0.31
N ILE A 57 9.62 15.50 0.20
CA ILE A 57 8.70 16.62 0.21
C ILE A 57 8.48 17.10 -1.23
N PRO A 58 7.24 17.25 -1.73
CA PRO A 58 7.06 17.68 -3.13
C PRO A 58 7.59 19.11 -3.34
N SER A 59 8.19 19.38 -4.52
CA SER A 59 8.74 20.70 -4.77
C SER A 59 7.68 21.80 -4.70
N ASN A 60 6.38 21.49 -4.85
CA ASN A 60 5.34 22.51 -4.77
C ASN A 60 4.74 22.64 -3.37
N TYR A 61 5.33 21.99 -2.37
CA TYR A 61 4.83 22.04 -1.01
C TYR A 61 4.69 23.49 -0.54
N ASN A 62 3.56 23.78 0.09
CA ASN A 62 3.32 25.06 0.71
C ASN A 62 2.84 24.81 2.12
N VAL A 63 3.42 25.49 3.11
CA VAL A 63 3.16 25.19 4.51
C VAL A 63 1.72 25.49 4.90
N ASN A 64 0.96 26.23 4.05
CA ASN A 64 -0.42 26.55 4.36
C ASN A 64 -1.40 25.69 3.55
N THR A 65 -0.92 24.82 2.66
CA THR A 65 -1.80 24.10 1.77
C THR A 65 -1.91 22.66 2.27
N PRO A 66 -3.12 22.16 2.60
CA PRO A 66 -3.29 20.78 3.06
C PRO A 66 -2.76 19.82 1.98
N THR A 67 -1.81 18.98 2.38
CA THR A 67 -1.05 18.17 1.44
C THR A 67 -1.33 16.67 1.64
N PRO A 68 -1.59 15.91 0.57
CA PRO A 68 -1.72 14.45 0.69
C PRO A 68 -0.41 13.75 1.07
N LEU A 69 -0.54 12.53 1.60
CA LEU A 69 0.61 11.77 2.05
C LEU A 69 0.45 10.30 1.68
N ILE A 70 1.56 9.73 1.14
CA ILE A 70 1.64 8.34 0.75
C ILE A 70 2.73 7.63 1.54
N PHE A 71 2.32 6.58 2.26
CA PHE A 71 3.25 5.61 2.79
C PHE A 71 3.52 4.52 1.75
N SER A 72 4.80 4.16 1.55
CA SER A 72 5.16 3.10 0.63
C SER A 72 6.08 2.12 1.34
N PHE A 73 5.61 0.88 1.52
CA PHE A 73 6.27 -0.10 2.37
C PHE A 73 7.04 -1.11 1.53
N HIS A 74 8.32 -1.31 1.88
CA HIS A 74 9.20 -2.17 1.11
C HIS A 74 8.83 -3.64 1.27
N GLY A 75 9.39 -4.45 0.35
CA GLY A 75 9.32 -5.90 0.40
C GLY A 75 10.32 -6.49 1.39
N ARG A 76 10.08 -7.76 1.75
CA ARG A 76 10.95 -8.47 2.69
C ARG A 76 12.38 -8.53 2.17
N GLY A 77 13.32 -8.17 3.07
CA GLY A 77 14.73 -8.11 2.76
C GLY A 77 15.15 -6.82 2.04
N LYS A 78 14.21 -5.88 1.83
CA LYS A 78 14.51 -4.63 1.15
C LYS A 78 14.55 -3.48 2.16
N THR A 79 14.69 -2.26 1.67
CA THR A 79 14.92 -1.09 2.49
C THR A 79 14.03 0.05 2.02
N ALA A 80 13.92 1.06 2.87
CA ALA A 80 13.24 2.29 2.49
C ALA A 80 13.82 2.87 1.20
N GLU A 81 15.17 2.91 1.10
CA GLU A 81 15.80 3.55 -0.05
C GLU A 81 15.48 2.75 -1.32
N SER A 82 15.57 1.41 -1.24
CA SER A 82 15.31 0.60 -2.41
C SER A 82 13.83 0.72 -2.83
N GLN A 83 12.90 0.80 -1.85
CA GLN A 83 11.47 0.93 -2.12
C GLN A 83 11.13 2.27 -2.78
N GLU A 84 11.84 3.34 -2.41
CA GLU A 84 11.66 4.63 -3.06
C GLU A 84 12.03 4.51 -4.54
N LYS A 85 13.13 3.82 -4.86
CA LYS A 85 13.52 3.65 -6.26
C LYS A 85 12.51 2.80 -7.02
N LEU A 86 12.03 1.75 -6.36
CA LEU A 86 11.13 0.80 -6.99
C LEU A 86 9.77 1.44 -7.27
N SER A 87 9.19 2.14 -6.27
CA SER A 87 7.78 2.51 -6.29
C SER A 87 7.62 3.88 -6.94
N GLN A 88 8.73 4.64 -7.00
CA GLN A 88 8.78 5.90 -7.74
C GLN A 88 7.77 6.93 -7.22
N PHE A 89 7.38 6.89 -5.93
CA PHE A 89 6.46 7.92 -5.46
C PHE A 89 7.13 9.28 -5.23
N SER A 90 8.45 9.36 -5.25
CA SER A 90 9.10 10.66 -5.21
C SER A 90 9.25 11.26 -6.61
N ASN A 91 8.87 10.52 -7.65
CA ASN A 91 8.93 11.04 -9.01
C ASN A 91 7.83 12.09 -9.19
N GLU A 92 8.20 13.35 -9.39
CA GLU A 92 7.23 14.43 -9.45
C GLU A 92 6.38 14.42 -10.73
N ASP A 93 6.82 13.75 -11.79
CA ASP A 93 5.96 13.55 -12.96
C ASP A 93 4.77 12.64 -12.62
N TRP A 94 4.96 11.63 -11.76
CA TRP A 94 3.90 10.68 -11.43
C TRP A 94 3.14 11.10 -10.16
N ASN A 95 3.85 11.73 -9.22
CA ASN A 95 3.28 12.15 -7.94
C ASN A 95 3.68 13.61 -7.70
N PRO A 96 3.03 14.61 -8.31
CA PRO A 96 3.38 16.01 -8.03
C PRO A 96 3.00 16.55 -6.64
N ASP A 97 1.99 15.96 -5.99
CA ASP A 97 1.30 16.65 -4.89
C ASP A 97 1.56 16.05 -3.52
N ALA A 98 1.83 14.73 -3.40
CA ALA A 98 1.85 14.10 -2.09
C ALA A 98 3.25 14.03 -1.50
N ILE A 99 3.33 14.19 -0.19
CA ILE A 99 4.53 13.78 0.55
C ILE A 99 4.62 12.26 0.44
N ALA A 100 5.84 11.75 0.20
CA ALA A 100 6.08 10.32 0.18
C ALA A 100 6.99 9.91 1.32
N VAL A 101 6.52 8.94 2.09
CA VAL A 101 7.23 8.39 3.23
C VAL A 101 7.50 6.91 2.99
N TYR A 102 8.78 6.55 3.16
CA TYR A 102 9.30 5.20 3.00
C TYR A 102 9.80 4.70 4.35
N PRO A 103 8.95 4.01 5.13
CA PRO A 103 9.37 3.51 6.43
C PRO A 103 10.26 2.29 6.31
N GLN A 104 11.12 2.10 7.33
CA GLN A 104 11.99 0.95 7.36
C GLN A 104 11.46 -0.09 8.32
N GLY A 105 11.38 -1.33 7.85
CA GLY A 105 10.92 -2.44 8.68
C GLY A 105 12.08 -2.97 9.51
N LEU A 106 11.83 -3.32 10.76
CA LEU A 106 12.84 -4.01 11.56
C LEU A 106 13.19 -5.34 10.89
N ASN A 107 14.49 -5.66 10.85
CA ASN A 107 14.98 -6.88 10.22
C ASN A 107 14.55 -6.95 8.74
N LYS A 108 14.34 -5.79 8.12
CA LYS A 108 13.90 -5.66 6.74
C LYS A 108 12.62 -6.46 6.46
N GLU A 109 11.67 -6.42 7.40
CA GLU A 109 10.37 -7.06 7.24
C GLU A 109 9.32 -6.30 8.03
N TRP A 110 8.06 -6.74 7.90
CA TRP A 110 6.89 -6.04 8.45
C TRP A 110 6.01 -7.04 9.18
N GLN A 111 5.32 -6.53 10.19
CA GLN A 111 4.21 -7.18 10.83
C GLN A 111 3.41 -7.94 9.79
N GLY A 112 3.06 -9.18 10.14
CA GLY A 112 2.30 -10.05 9.25
C GLY A 112 3.18 -11.16 8.66
N ASP A 113 4.48 -10.88 8.50
CA ASP A 113 5.41 -11.88 8.02
C ASP A 113 5.55 -12.97 9.08
N PRO A 114 5.64 -14.28 8.71
CA PRO A 114 5.85 -15.35 9.69
C PRO A 114 7.01 -15.12 10.65
N HIS A 115 8.06 -14.38 10.22
CA HIS A 115 9.20 -14.10 11.06
C HIS A 115 9.06 -12.88 11.97
N SER A 116 8.06 -12.00 11.75
CA SER A 116 7.90 -10.76 12.52
C SER A 116 7.14 -11.08 13.81
N LYS A 117 7.79 -10.92 14.95
CA LYS A 117 7.15 -11.26 16.22
C LYS A 117 7.16 -10.04 17.13
N ASP A 118 5.98 -9.69 17.63
CA ASP A 118 5.78 -8.66 18.64
C ASP A 118 6.35 -7.33 18.17
N VAL A 119 6.26 -7.05 16.85
CA VAL A 119 6.58 -5.73 16.33
C VAL A 119 5.27 -5.09 15.89
N ASP A 120 4.89 -4.00 16.55
CA ASP A 120 3.64 -3.32 16.24
C ASP A 120 3.91 -2.22 15.20
N ASP A 121 3.91 -2.64 13.92
CA ASP A 121 4.11 -1.70 12.81
C ASP A 121 2.91 -0.81 12.56
N ILE A 122 1.71 -1.24 12.96
CA ILE A 122 0.54 -0.38 12.94
C ILE A 122 0.74 0.82 13.86
N ALA A 123 1.21 0.59 15.09
CA ALA A 123 1.54 1.70 15.99
C ALA A 123 2.60 2.61 15.37
N PHE A 124 3.65 2.03 14.78
CA PHE A 124 4.65 2.83 14.09
C PHE A 124 4.00 3.73 13.05
N THR A 125 3.12 3.15 12.23
CA THR A 125 2.50 3.93 11.17
C THR A 125 1.63 5.06 11.75
N MET A 126 0.80 4.72 12.76
CA MET A 126 -0.10 5.68 13.38
C MET A 126 0.70 6.80 14.05
N GLU A 127 1.82 6.50 14.73
CA GLU A 127 2.59 7.52 15.43
C GLU A 127 3.33 8.39 14.41
N MET A 128 3.82 7.77 13.32
CA MET A 128 4.39 8.51 12.19
C MET A 128 3.36 9.52 11.67
N LEU A 129 2.12 9.07 11.43
CA LEU A 129 1.11 9.95 10.87
C LEU A 129 0.84 11.11 11.84
N ASP A 130 0.72 10.80 13.14
CA ASP A 130 0.52 11.84 14.15
C ASP A 130 1.65 12.88 14.08
N TYR A 131 2.88 12.39 13.93
CA TYR A 131 4.03 13.26 13.79
C TYR A 131 3.90 14.16 12.54
N PHE A 132 3.60 13.55 11.39
CA PHE A 132 3.48 14.35 10.17
C PHE A 132 2.38 15.40 10.29
N GLN A 133 1.25 15.08 10.92
CA GLN A 133 0.18 16.05 11.12
C GLN A 133 0.67 17.24 11.96
N GLU A 134 1.56 16.97 12.92
CA GLU A 134 2.12 17.99 13.82
C GLU A 134 3.08 18.93 13.11
N LYS A 135 3.86 18.43 12.16
CA LYS A 135 5.00 19.16 11.65
C LYS A 135 4.81 19.69 10.22
N PHE A 136 3.80 19.18 9.53
CA PHE A 136 3.53 19.50 8.14
C PHE A 136 2.06 19.86 7.98
N CYS A 137 1.70 20.50 6.87
CA CYS A 137 0.30 20.75 6.55
C CYS A 137 -0.28 19.56 5.80
N ILE A 138 -0.78 18.57 6.56
CA ILE A 138 -1.32 17.34 6.02
C ILE A 138 -2.82 17.49 5.81
N ASP A 139 -3.29 17.01 4.65
CA ASP A 139 -4.69 16.83 4.41
C ASP A 139 -5.08 15.48 4.99
N SER A 140 -5.76 15.47 6.15
CA SER A 140 -5.94 14.23 6.89
C SER A 140 -6.98 13.32 6.23
N THR A 141 -7.64 13.83 5.18
CA THR A 141 -8.58 13.06 4.36
C THR A 141 -7.88 12.38 3.16
N ARG A 142 -6.59 12.65 2.95
CA ARG A 142 -5.83 12.14 1.81
C ARG A 142 -4.49 11.57 2.24
N VAL A 143 -4.57 10.55 3.09
CA VAL A 143 -3.43 9.78 3.54
C VAL A 143 -3.60 8.38 2.99
N TYR A 144 -2.54 7.87 2.36
CA TYR A 144 -2.63 6.64 1.61
C TYR A 144 -1.50 5.70 1.98
N ALA A 145 -1.71 4.42 1.66
CA ALA A 145 -0.69 3.38 1.88
C ALA A 145 -0.59 2.47 0.66
N ALA A 146 0.67 2.18 0.28
CA ALA A 146 1.01 1.21 -0.76
C ALA A 146 2.23 0.41 -0.30
N GLY A 147 2.43 -0.75 -0.90
CA GLY A 147 3.56 -1.57 -0.55
C GLY A 147 3.78 -2.75 -1.48
N LYS A 148 5.05 -3.19 -1.55
CA LYS A 148 5.40 -4.39 -2.27
C LYS A 148 5.45 -5.60 -1.33
N SER A 149 4.72 -6.68 -1.63
CA SER A 149 4.94 -8.02 -1.04
C SER A 149 4.70 -8.10 0.48
N ASN A 150 5.72 -8.35 1.35
CA ASN A 150 5.54 -8.14 2.80
C ASN A 150 4.94 -6.76 3.08
N GLY A 151 5.35 -5.75 2.32
CA GLY A 151 4.84 -4.40 2.52
C GLY A 151 3.39 -4.22 2.03
N GLY A 152 3.00 -5.02 1.04
CA GLY A 152 1.65 -5.10 0.54
C GLY A 152 0.73 -5.82 1.54
N GLY A 153 1.22 -6.92 2.09
CA GLY A 153 0.60 -7.56 3.24
C GLY A 153 0.39 -6.57 4.38
N PHE A 154 1.39 -5.73 4.66
CA PHE A 154 1.27 -4.77 5.75
C PHE A 154 0.27 -3.68 5.38
N THR A 155 0.28 -3.25 4.10
CA THR A 155 -0.74 -2.34 3.62
C THR A 155 -2.14 -2.90 3.92
N ASN A 156 -2.36 -4.16 3.55
CA ASN A 156 -3.61 -4.83 3.83
C ASN A 156 -3.91 -4.86 5.34
N LEU A 157 -2.90 -5.16 6.18
CA LEU A 157 -3.13 -5.17 7.63
C LEU A 157 -3.66 -3.83 8.11
N LEU A 158 -3.19 -2.72 7.49
CA LEU A 158 -3.66 -1.40 7.84
C LEU A 158 -5.16 -1.28 7.52
N ALA A 159 -5.57 -1.75 6.33
CA ALA A 159 -6.96 -1.70 5.91
C ALA A 159 -7.80 -2.60 6.81
N CYS A 160 -7.17 -3.60 7.43
CA CYS A 160 -7.83 -4.63 8.22
C CYS A 160 -7.85 -4.29 9.71
N ASP A 161 -7.27 -3.13 10.05
CA ASP A 161 -7.16 -2.69 11.44
C ASP A 161 -8.28 -1.72 11.75
N PRO A 162 -9.07 -1.96 12.82
CA PRO A 162 -10.16 -1.06 13.15
C PRO A 162 -9.77 0.42 13.19
N THR A 163 -8.58 0.79 13.72
CA THR A 163 -8.20 2.20 13.81
C THR A 163 -7.57 2.71 12.51
N ALA A 164 -6.57 1.99 12.01
CA ALA A 164 -5.78 2.50 10.89
C ALA A 164 -6.64 2.65 9.64
N SER A 165 -7.64 1.78 9.51
CA SER A 165 -8.54 1.78 8.37
C SER A 165 -9.43 3.02 8.40
N THR A 166 -9.59 3.68 9.56
CA THR A 166 -10.38 4.89 9.64
C THR A 166 -9.54 6.14 9.44
N ARG A 167 -8.22 6.00 9.30
CA ARG A 167 -7.35 7.16 9.17
C ARG A 167 -6.70 7.20 7.79
N ILE A 168 -6.67 6.06 7.10
CA ILE A 168 -6.03 5.96 5.80
C ILE A 168 -7.15 5.81 4.77
N ALA A 169 -7.11 6.67 3.74
CA ALA A 169 -8.20 6.79 2.76
C ALA A 169 -8.27 5.65 1.76
N ALA A 170 -7.11 5.13 1.34
CA ALA A 170 -7.11 4.10 0.29
C ALA A 170 -5.79 3.32 0.34
N PHE A 171 -5.80 2.12 -0.27
CA PHE A 171 -4.76 1.11 -0.09
C PHE A 171 -4.41 0.44 -1.41
N ALA A 172 -3.11 0.29 -1.68
CA ALA A 172 -2.62 -0.30 -2.94
C ALA A 172 -1.50 -1.30 -2.68
N PRO A 173 -1.84 -2.54 -2.28
CA PRO A 173 -0.88 -3.64 -2.21
C PRO A 173 -0.47 -4.16 -3.57
N VAL A 174 0.85 -4.28 -3.74
CA VAL A 174 1.43 -4.74 -4.98
C VAL A 174 2.12 -6.05 -4.70
N SER A 175 1.62 -7.13 -5.31
CA SER A 175 2.14 -8.46 -5.11
C SER A 175 2.18 -8.80 -3.62
N GLY A 176 1.09 -8.46 -2.91
CA GLY A 176 1.10 -8.52 -1.45
C GLY A 176 1.00 -9.96 -0.96
N ALA A 177 1.60 -10.19 0.21
CA ALA A 177 1.67 -11.47 0.91
C ALA A 177 0.76 -11.44 2.14
N TYR A 178 -0.45 -11.99 1.99
CA TYR A 178 -1.53 -11.84 2.96
C TYR A 178 -1.54 -13.11 3.85
N TYR A 179 -0.46 -13.29 4.63
CA TYR A 179 -0.22 -14.53 5.35
C TYR A 179 -1.30 -14.77 6.38
N GLN A 180 -1.82 -16.01 6.39
CA GLN A 180 -2.81 -16.41 7.37
C GLN A 180 -2.15 -17.47 8.25
N ASP A 181 -2.51 -17.46 9.53
CA ASP A 181 -1.86 -18.31 10.52
C ASP A 181 -2.54 -19.68 10.48
N VAL A 182 -2.29 -20.41 9.39
CA VAL A 182 -2.90 -21.70 9.11
C VAL A 182 -1.77 -22.54 8.54
N SER A 183 -1.63 -23.80 8.97
CA SER A 183 -0.51 -24.63 8.56
C SER A 183 -0.60 -24.95 7.05
N GLU A 184 0.55 -25.25 6.41
CA GLU A 184 0.54 -25.61 5.00
C GLU A 184 -0.45 -26.77 4.78
N GLU A 185 -0.47 -27.74 5.69
CA GLU A 185 -1.27 -28.95 5.45
C GLU A 185 -2.77 -28.62 5.42
N ALA A 186 -3.17 -27.64 6.22
CA ALA A 186 -4.57 -27.24 6.33
C ALA A 186 -4.92 -26.10 5.36
N CYS A 187 -3.92 -25.63 4.58
CA CYS A 187 -4.07 -24.46 3.75
C CYS A 187 -4.91 -24.78 2.51
N HIS A 188 -6.07 -24.13 2.40
CA HIS A 188 -6.92 -24.20 1.22
C HIS A 188 -7.08 -22.78 0.69
N PRO A 189 -6.23 -22.38 -0.29
CA PRO A 189 -6.05 -20.97 -0.62
C PRO A 189 -7.29 -20.30 -1.21
N THR A 190 -8.23 -21.07 -1.75
CA THR A 190 -9.42 -20.46 -2.33
C THR A 190 -10.50 -20.24 -1.28
N THR A 191 -10.34 -20.77 -0.07
CA THR A 191 -11.36 -20.61 0.95
C THR A 191 -10.80 -20.17 2.30
N VAL A 192 -9.47 -20.12 2.47
CA VAL A 192 -8.89 -19.82 3.77
C VAL A 192 -9.47 -18.51 4.32
N PRO A 193 -9.88 -18.44 5.61
CA PRO A 193 -10.33 -17.16 6.15
C PRO A 193 -9.16 -16.16 6.15
N ILE A 194 -9.50 -14.93 5.82
CA ILE A 194 -8.56 -13.84 5.84
C ILE A 194 -8.94 -12.95 7.02
N LYS A 195 -8.02 -12.85 7.98
CA LYS A 195 -8.30 -12.17 9.22
C LYS A 195 -8.29 -10.69 8.92
N CYS A 196 -9.42 -10.00 9.19
CA CYS A 196 -9.60 -8.62 8.78
C CYS A 196 -10.77 -7.98 9.54
N SER A 197 -10.57 -6.80 10.14
CA SER A 197 -11.66 -6.11 10.83
C SER A 197 -11.69 -4.61 10.49
N PRO A 198 -12.10 -4.21 9.27
CA PRO A 198 -12.07 -2.79 8.90
C PRO A 198 -13.00 -2.00 9.82
N GLY A 199 -12.65 -0.74 10.08
CA GLY A 199 -13.42 0.11 10.98
C GLY A 199 -14.44 0.96 10.27
N ARG A 200 -14.57 0.84 8.95
CA ARG A 200 -15.56 1.63 8.23
C ARG A 200 -15.93 0.88 6.96
N PRO A 201 -17.09 1.17 6.34
CA PRO A 201 -17.45 0.58 5.05
C PRO A 201 -16.66 1.23 3.91
N SER A 202 -16.73 0.59 2.75
CA SER A 202 -16.30 1.20 1.49
C SER A 202 -14.81 1.48 1.51
N ILE A 203 -14.01 0.50 1.95
CA ILE A 203 -12.56 0.64 1.90
C ILE A 203 -12.06 0.46 0.48
N PRO A 204 -11.34 1.46 -0.09
CA PRO A 204 -10.75 1.32 -1.43
C PRO A 204 -9.46 0.51 -1.42
N ILE A 205 -9.41 -0.51 -2.27
CA ILE A 205 -8.30 -1.45 -2.37
C ILE A 205 -8.00 -1.58 -3.85
N LEU A 206 -6.73 -1.42 -4.16
CA LEU A 206 -6.18 -1.63 -5.48
C LEU A 206 -5.04 -2.64 -5.33
N GLU A 207 -5.19 -3.81 -5.95
CA GLU A 207 -4.19 -4.88 -5.87
C GLU A 207 -3.68 -5.24 -7.25
N PHE A 208 -2.34 -5.25 -7.38
CA PHE A 208 -1.65 -5.71 -8.58
C PHE A 208 -1.02 -7.06 -8.28
N HIS A 209 -1.07 -7.98 -9.25
CA HIS A 209 -0.42 -9.28 -9.06
C HIS A 209 -0.11 -9.91 -10.41
N GLY A 210 1.09 -10.48 -10.49
CA GLY A 210 1.52 -11.23 -11.66
C GLY A 210 1.05 -12.70 -11.63
N THR A 211 0.62 -13.23 -12.79
CA THR A 211 0.16 -14.60 -12.84
C THR A 211 1.32 -15.58 -12.67
N ALA A 212 2.56 -15.20 -12.99
CA ALA A 212 3.70 -16.10 -12.95
C ALA A 212 4.54 -15.94 -11.68
N ASP A 213 3.97 -15.30 -10.66
CA ASP A 213 4.65 -15.05 -9.41
C ASP A 213 4.93 -16.40 -8.73
N LYS A 214 6.21 -16.72 -8.49
CA LYS A 214 6.57 -17.94 -7.79
C LYS A 214 6.79 -17.73 -6.28
N THR A 215 6.91 -16.46 -5.85
CA THR A 215 7.28 -16.14 -4.48
C THR A 215 6.03 -16.02 -3.60
N ILE A 216 5.08 -15.25 -4.12
CA ILE A 216 3.76 -15.08 -3.56
C ILE A 216 2.79 -15.46 -4.68
N PRO A 217 2.46 -16.75 -4.86
CA PRO A 217 1.73 -17.18 -6.06
C PRO A 217 0.33 -16.58 -6.16
N TYR A 218 -0.04 -16.28 -7.41
CA TYR A 218 -1.37 -15.85 -7.80
C TYR A 218 -2.42 -16.78 -7.18
N GLY A 219 -2.16 -18.10 -7.19
CA GLY A 219 -3.09 -19.09 -6.68
C GLY A 219 -2.94 -19.36 -5.20
N GLY A 220 -2.00 -18.65 -4.54
CA GLY A 220 -1.79 -18.85 -3.11
C GLY A 220 -1.21 -20.25 -2.82
N GLY A 221 -1.35 -20.70 -1.58
CA GLY A 221 -0.94 -22.03 -1.15
C GLY A 221 -0.01 -21.93 0.06
N GLY A 222 0.53 -23.08 0.47
CA GLY A 222 1.44 -23.10 1.58
C GLY A 222 2.74 -22.34 1.29
N ARG A 223 3.24 -21.65 2.31
CA ARG A 223 4.46 -20.89 2.17
C ARG A 223 5.07 -20.66 3.55
N ARG A 224 6.35 -21.04 3.70
CA ARG A 224 7.12 -20.80 4.90
C ARG A 224 6.37 -21.25 6.18
N GLY A 225 5.59 -22.34 6.11
CA GLY A 225 4.92 -22.86 7.29
C GLY A 225 3.52 -22.29 7.52
N GLU A 226 3.10 -21.31 6.69
CA GLU A 226 1.82 -20.64 6.84
C GLU A 226 1.07 -20.75 5.50
N CYS A 227 0.00 -19.98 5.34
CA CYS A 227 -0.93 -20.13 4.24
C CYS A 227 -1.19 -18.78 3.55
N LEU A 228 -1.06 -18.77 2.22
CA LEU A 228 -1.40 -17.56 1.46
C LEU A 228 -2.72 -17.80 0.74
N PRO A 229 -3.64 -16.83 0.74
CA PRO A 229 -4.86 -16.97 -0.04
C PRO A 229 -4.60 -16.84 -1.54
N SER A 230 -5.49 -17.40 -2.37
CA SER A 230 -5.44 -17.08 -3.79
C SER A 230 -5.81 -15.60 -3.94
N ILE A 231 -5.25 -14.95 -4.95
CA ILE A 231 -5.52 -13.54 -5.15
C ILE A 231 -6.98 -13.33 -5.54
N PRO A 232 -7.62 -14.16 -6.37
CA PRO A 232 -9.07 -13.98 -6.58
C PRO A 232 -9.87 -14.08 -5.27
N HIS A 233 -9.46 -15.00 -4.39
CA HIS A 233 -10.08 -15.12 -3.08
C HIS A 233 -9.93 -13.83 -2.28
N PHE A 234 -8.71 -13.28 -2.22
CA PHE A 234 -8.46 -12.02 -1.57
C PHE A 234 -9.39 -10.93 -2.11
N VAL A 235 -9.46 -10.83 -3.44
CA VAL A 235 -10.22 -9.79 -4.13
C VAL A 235 -11.70 -9.93 -3.80
N ARG A 236 -12.21 -11.14 -3.92
CA ARG A 236 -13.60 -11.45 -3.63
C ARG A 236 -13.96 -11.11 -2.18
N GLU A 237 -13.10 -11.46 -1.22
CA GLU A 237 -13.39 -11.16 0.18
C GLU A 237 -13.48 -9.65 0.43
N TRP A 238 -12.64 -8.83 -0.21
CA TRP A 238 -12.78 -7.39 -0.07
C TRP A 238 -14.11 -6.91 -0.69
N SER A 239 -14.43 -7.40 -1.88
CA SER A 239 -15.58 -6.89 -2.61
C SER A 239 -16.87 -7.32 -1.92
N LYS A 240 -16.85 -8.48 -1.26
CA LYS A 240 -18.02 -8.97 -0.54
C LYS A 240 -18.48 -7.95 0.48
N ARG A 241 -17.58 -7.06 0.95
CA ARG A 241 -17.93 -6.11 2.00
C ARG A 241 -18.74 -4.94 1.44
N LEU A 242 -18.68 -4.70 0.12
CA LEU A 242 -19.43 -3.63 -0.50
C LEU A 242 -20.91 -4.02 -0.51
N GLY A 243 -21.18 -5.32 -0.32
CA GLY A 243 -22.47 -5.75 0.14
C GLY A 243 -23.53 -5.46 -0.90
N TYR A 244 -24.66 -4.86 -0.47
CA TYR A 244 -25.84 -4.68 -1.31
C TYR A 244 -25.51 -3.77 -2.50
N GLY A 245 -25.97 -4.19 -3.69
CA GLY A 245 -25.75 -3.45 -4.91
C GLY A 245 -24.42 -3.81 -5.58
N LEU A 246 -23.72 -4.86 -5.11
CA LEU A 246 -22.40 -5.24 -5.62
C LEU A 246 -22.48 -5.61 -7.10
N HIS A 247 -21.67 -4.95 -7.96
CA HIS A 247 -21.45 -5.37 -9.33
C HIS A 247 -19.97 -5.29 -9.71
N ASN A 248 -19.60 -5.94 -10.82
CA ASN A 248 -18.23 -5.90 -11.30
C ASN A 248 -18.19 -5.79 -12.81
N THR A 249 -17.05 -5.32 -13.29
CA THR A 249 -16.72 -5.32 -14.69
C THR A 249 -15.33 -5.91 -14.84
N THR A 250 -15.07 -6.46 -16.02
CA THR A 250 -13.74 -6.85 -16.42
C THR A 250 -13.39 -6.06 -17.69
N LYS A 251 -12.15 -5.58 -17.81
CA LYS A 251 -11.63 -5.01 -19.03
C LYS A 251 -10.36 -5.74 -19.44
N GLU A 252 -10.22 -5.97 -20.74
CA GLU A 252 -8.98 -6.49 -21.32
C GLU A 252 -8.11 -5.31 -21.68
N LEU A 253 -6.90 -5.24 -21.11
CA LEU A 253 -5.98 -4.16 -21.43
C LEU A 253 -4.73 -4.75 -22.08
N TYR A 254 -3.97 -3.92 -22.82
CA TYR A 254 -2.70 -4.32 -23.44
C TYR A 254 -2.85 -5.57 -24.28
N ASP A 255 -3.79 -5.48 -25.21
CA ASP A 255 -4.10 -6.60 -26.10
C ASP A 255 -4.51 -7.82 -25.29
N GLY A 256 -5.14 -7.58 -24.14
CA GLY A 256 -5.62 -8.67 -23.31
C GLY A 256 -4.53 -9.44 -22.54
N ASN A 257 -3.32 -8.90 -22.42
CA ASN A 257 -2.30 -9.46 -21.56
C ASN A 257 -2.53 -9.05 -20.11
N VAL A 258 -3.37 -7.99 -19.89
CA VAL A 258 -3.73 -7.54 -18.55
C VAL A 258 -5.25 -7.55 -18.42
N GLN A 259 -5.76 -7.99 -17.27
CA GLN A 259 -7.18 -7.89 -17.00
C GLN A 259 -7.32 -6.95 -15.81
N GLU A 260 -8.26 -6.03 -15.93
CA GLU A 260 -8.61 -5.12 -14.86
C GLU A 260 -10.02 -5.47 -14.36
N TYR A 261 -10.10 -5.86 -13.10
CA TYR A 261 -11.39 -6.18 -12.51
C TYR A 261 -11.78 -5.08 -11.54
N GLN A 262 -13.02 -4.59 -11.66
CA GLN A 262 -13.50 -3.51 -10.81
C GLN A 262 -14.78 -3.95 -10.13
N TYR A 263 -14.87 -3.75 -8.82
CA TYR A 263 -16.04 -4.07 -8.03
C TYR A 263 -16.64 -2.77 -7.50
N GLY A 264 -17.96 -2.74 -7.33
CA GLY A 264 -18.58 -1.52 -6.85
C GLY A 264 -20.05 -1.77 -6.53
N ASN A 265 -20.73 -0.75 -6.01
CA ASN A 265 -22.15 -0.81 -5.66
C ASN A 265 -22.81 0.48 -6.14
N GLY A 266 -23.78 0.99 -5.37
CA GLY A 266 -24.39 2.29 -5.62
C GLY A 266 -23.39 3.33 -6.11
N ASP A 267 -23.00 3.18 -7.39
CA ASP A 267 -22.24 4.14 -8.16
C ASP A 267 -20.86 4.43 -7.55
N ASN A 268 -20.20 3.43 -6.92
CA ASN A 268 -18.83 3.56 -6.43
C ASN A 268 -17.95 2.56 -7.18
N ARG A 269 -17.97 2.71 -8.49
CA ARG A 269 -17.40 1.77 -9.43
C ARG A 269 -15.88 1.66 -9.20
N GLY A 270 -15.36 0.46 -8.99
CA GLY A 270 -13.92 0.30 -8.89
C GLY A 270 -13.34 0.57 -7.49
N ILE A 271 -14.21 0.64 -6.47
CA ILE A 271 -13.72 0.88 -5.11
C ILE A 271 -12.80 -0.28 -4.72
N VAL A 272 -13.09 -1.49 -5.20
CA VAL A 272 -12.08 -2.56 -5.21
C VAL A 272 -11.69 -2.85 -6.66
N THR A 273 -10.41 -2.75 -6.96
CA THR A 273 -9.85 -2.95 -8.30
C THR A 273 -8.65 -3.89 -8.24
N HIS A 274 -8.58 -4.80 -9.21
CA HIS A 274 -7.48 -5.73 -9.28
C HIS A 274 -6.98 -5.74 -10.71
N TYR A 275 -5.65 -5.65 -10.84
CA TYR A 275 -4.98 -5.84 -12.12
C TYR A 275 -4.24 -7.16 -12.09
N ARG A 276 -4.66 -8.07 -12.96
CA ARG A 276 -3.98 -9.32 -13.19
C ARG A 276 -3.05 -9.18 -14.39
N ILE A 277 -1.75 -9.37 -14.16
CA ILE A 277 -0.77 -9.09 -15.21
C ILE A 277 -0.16 -10.39 -15.73
N GLY A 278 -0.52 -10.73 -16.96
CA GLY A 278 -0.20 -12.05 -17.51
C GLY A 278 1.29 -12.21 -17.74
N GLY A 279 1.85 -13.28 -17.16
CA GLY A 279 3.26 -13.60 -17.33
C GLY A 279 4.20 -12.85 -16.39
N LEU A 280 3.70 -11.89 -15.61
CA LEU A 280 4.58 -11.12 -14.74
C LEU A 280 4.92 -11.97 -13.52
N GLY A 281 6.18 -11.86 -13.06
CA GLY A 281 6.63 -12.46 -11.81
C GLY A 281 6.29 -11.61 -10.58
N HIS A 282 7.16 -11.73 -9.56
CA HIS A 282 7.03 -11.10 -8.26
C HIS A 282 7.55 -9.66 -8.29
N ASP A 283 6.88 -8.82 -9.08
CA ASP A 283 7.51 -7.60 -9.56
C ASP A 283 6.59 -6.40 -9.43
N TRP A 284 7.11 -5.29 -8.91
CA TRP A 284 6.44 -4.00 -9.03
C TRP A 284 6.29 -3.71 -10.53
N PRO A 285 5.06 -3.52 -11.08
CA PRO A 285 4.95 -3.26 -12.53
C PRO A 285 5.50 -1.92 -12.98
N SER A 286 6.44 -2.01 -13.94
CA SER A 286 7.06 -0.87 -14.58
CA SER A 286 7.08 -0.88 -14.57
C SER A 286 7.31 -1.21 -16.05
N VAL A 287 7.14 -0.22 -16.92
CA VAL A 287 7.45 -0.39 -18.33
C VAL A 287 8.96 -0.53 -18.48
N ARG A 288 9.72 0.29 -17.74
CA ARG A 288 11.18 0.27 -17.71
C ARG A 288 11.70 -0.83 -16.77
N PRO A 289 12.96 -1.27 -16.93
CA PRO A 289 13.58 -2.18 -15.96
C PRO A 289 13.49 -1.58 -14.56
N ASN A 290 13.36 -2.41 -13.53
CA ASN A 290 13.52 -1.92 -12.16
C ASN A 290 14.28 -3.01 -11.39
N SER A 291 14.46 -2.79 -10.08
CA SER A 291 15.29 -3.68 -9.30
C SER A 291 14.64 -5.04 -9.19
N ASP A 292 13.32 -5.12 -9.34
CA ASP A 292 12.61 -6.40 -9.30
C ASP A 292 12.77 -7.15 -10.62
N ASN A 293 12.63 -6.42 -11.74
CA ASN A 293 12.32 -7.04 -13.01
C ASN A 293 13.18 -6.36 -14.08
N PRO A 294 14.12 -7.08 -14.72
CA PRO A 294 14.98 -6.45 -15.73
C PRO A 294 14.35 -6.17 -17.08
N ASN A 295 13.20 -6.79 -17.36
CA ASN A 295 12.61 -6.74 -18.68
C ASN A 295 11.56 -5.65 -18.85
N GLY A 296 10.91 -5.19 -17.78
CA GLY A 296 9.78 -4.30 -17.97
C GLY A 296 8.52 -5.11 -18.28
N THR A 297 7.35 -4.52 -18.10
CA THR A 297 6.09 -5.20 -18.41
C THR A 297 5.19 -4.21 -19.14
N TYR A 298 3.88 -4.46 -19.15
CA TYR A 298 2.94 -3.77 -20.03
C TYR A 298 2.63 -2.35 -19.55
N LEU A 299 2.70 -2.13 -18.22
CA LEU A 299 2.21 -0.90 -17.62
C LEU A 299 3.04 -0.52 -16.40
N ASP A 300 2.94 0.76 -16.03
CA ASP A 300 3.47 1.31 -14.79
C ASP A 300 2.33 1.35 -13.77
N ALA A 301 2.49 0.62 -12.67
CA ALA A 301 1.52 0.60 -11.58
C ALA A 301 1.41 1.96 -10.90
N THR A 302 2.52 2.69 -10.76
CA THR A 302 2.53 3.82 -9.83
C THR A 302 1.58 4.92 -10.30
N PRO A 303 1.59 5.37 -11.57
CA PRO A 303 0.59 6.36 -12.01
C PRO A 303 -0.85 5.92 -11.79
N ILE A 304 -1.11 4.62 -12.01
CA ILE A 304 -2.43 4.06 -11.73
C ILE A 304 -2.79 4.18 -10.24
N ILE A 305 -1.82 3.87 -9.35
CA ILE A 305 -2.03 3.99 -7.91
C ILE A 305 -2.30 5.44 -7.49
N VAL A 306 -1.52 6.38 -8.04
CA VAL A 306 -1.70 7.79 -7.70
C VAL A 306 -3.09 8.26 -8.10
N LYS A 307 -3.53 7.85 -9.30
CA LYS A 307 -4.85 8.23 -9.80
C LYS A 307 -5.95 7.62 -8.93
N PHE A 308 -5.70 6.41 -8.43
CA PHE A 308 -6.65 5.68 -7.61
C PHE A 308 -6.80 6.42 -6.28
N PHE A 309 -5.67 6.79 -5.66
CA PHE A 309 -5.65 7.58 -4.44
C PHE A 309 -6.42 8.89 -4.63
N LYS A 310 -6.25 9.51 -5.79
CA LYS A 310 -6.92 10.78 -6.03
C LYS A 310 -8.43 10.59 -6.11
N GLN A 311 -8.90 9.39 -6.47
CA GLN A 311 -10.33 9.10 -6.65
C GLN A 311 -11.04 9.03 -5.28
N TRP A 312 -10.30 8.66 -4.23
CA TRP A 312 -10.89 8.21 -2.98
C TRP A 312 -10.34 9.05 -1.82
N VAL A 313 -11.19 9.85 -1.17
CA VAL A 313 -10.80 10.53 0.05
C VAL A 313 -11.45 9.81 1.21
N LEU A 314 -10.93 10.10 2.39
CA LEU A 314 -11.52 9.62 3.61
C LEU A 314 -12.81 10.42 3.79
N PRO A 315 -13.98 9.75 3.80
CA PRO A 315 -15.27 10.42 3.94
C PRO A 315 -15.40 11.10 5.31
N GLY A 316 -16.09 12.25 5.32
CA GLY A 316 -16.43 12.95 6.56
C GLY A 316 -17.16 12.03 7.54
N SER A 317 -16.69 12.00 8.80
CA SER A 317 -17.07 11.00 9.79
C SER A 317 -16.41 9.65 9.45
#